data_3AUN
#
_entry.id   3AUN
#
_cell.length_a   44.237
_cell.length_b   136.521
_cell.length_c   47.334
_cell.angle_alpha   90.00
_cell.angle_beta   90.00
_cell.angle_gamma   90.00
#
_symmetry.space_group_name_H-M   'P 21 21 2'
#
loop_
_entity.id
_entity.type
_entity.pdbx_description
1 polymer 'Vitamin D3 receptor'
2 polymer 'DRIP 205 NR2 box peptide'
3 non-polymer (2R)-2-{4-[3-(4-{[(2R)-2-hydroxy-3,3-dimethylbutyl]oxy}-3-methylphenyl)pentan-3-yl]-2-methylphenoxy}butane-1,4-diol
4 water water
#
loop_
_entity_poly.entity_id
_entity_poly.type
_entity_poly.pdbx_seq_one_letter_code
_entity_poly.pdbx_strand_id
1 'polypeptide(L)'
;GSHMLKDSLRPKLSEEQQHIIAILLDAHHKTYDPTYADFRDFRPPVRMDGSTGSVTLDLSPLSMLPHLADLVSYSIQKVI
GFAKMIPGFRDLTSDDQIVLLKSSAIEVIMLRSNQSFTMDDMSWDCGSQDYKYDVTDVSKAGHTLELIEPLIKFQVGLKK
LNLHEEEHVLLMAICIVSPDRPGVQDAKLVEAIQDRLSNTLQTYIRCRHPPPGSHQLYAKMIQKLADLRSLNEEHSKQYR
SLSFQPENSMKLTPLVLEVFGNEIS
;
A
2 'polypeptide(L)' KNHPMLMNLLKDN B
#
loop_
_chem_comp.id
_chem_comp.type
_chem_comp.name
_chem_comp.formula
YR4 non-polymer (2R)-2-{4-[3-(4-{[(2R)-2-hydroxy-3,3-dimethylbutyl]oxy}-3-methylphenyl)pentan-3-yl]-2-methylphenoxy}butane-1,4-diol 'C29 H44 O5'
#
# COMPACT_ATOMS: atom_id res chain seq x y z
N LEU A 13 -12.55 -22.55 7.28
CA LEU A 13 -11.73 -22.27 6.08
C LEU A 13 -11.60 -23.51 5.18
N SER A 14 -12.04 -23.39 3.93
CA SER A 14 -11.89 -24.47 2.95
C SER A 14 -10.43 -24.70 2.60
N GLU A 15 -10.16 -25.81 1.92
CA GLU A 15 -8.79 -26.07 1.46
C GLU A 15 -8.33 -24.92 0.55
N GLU A 16 -9.21 -24.49 -0.35
CA GLU A 16 -8.86 -23.39 -1.25
C GLU A 16 -8.56 -22.09 -0.48
N GLN A 17 -9.38 -21.78 0.54
CA GLN A 17 -9.20 -20.54 1.33
C GLN A 17 -7.92 -20.61 2.14
N GLN A 18 -7.61 -21.80 2.67
CA GLN A 18 -6.35 -21.95 3.37
C GLN A 18 -5.19 -21.73 2.40
N HIS A 19 -5.34 -22.19 1.15
CA HIS A 19 -4.25 -22.08 0.16
C HIS A 19 -4.08 -20.61 -0.23
N ILE A 20 -5.19 -19.89 -0.37
CA ILE A 20 -5.14 -18.43 -0.66
C ILE A 20 -4.32 -17.72 0.41
N ILE A 21 -4.64 -18.01 1.67
CA ILE A 21 -3.94 -17.36 2.79
C ILE A 21 -2.43 -17.71 2.75
N ALA A 22 -2.10 -18.97 2.52
CA ALA A 22 -0.69 -19.41 2.51
C ALA A 22 0.07 -18.70 1.39
N ILE A 23 -0.57 -18.55 0.24
CA ILE A 23 0.05 -17.88 -0.92
C ILE A 23 0.32 -16.41 -0.62
N LEU A 24 -0.69 -15.72 -0.07
CA LEU A 24 -0.57 -14.29 0.32
C LEU A 24 0.47 -14.08 1.42
N LEU A 25 0.51 -14.98 2.41
CA LEU A 25 1.51 -14.83 3.46
C LEU A 25 2.95 -14.96 2.91
N ASP A 26 3.16 -15.95 2.05
CA ASP A 26 4.45 -16.16 1.40
C ASP A 26 4.80 -14.97 0.54
N ALA A 27 3.83 -14.46 -0.21
CA ALA A 27 4.08 -13.30 -1.09
C ALA A 27 4.53 -12.10 -0.28
N HIS A 28 3.86 -11.84 0.84
CA HIS A 28 4.22 -10.74 1.72
C HIS A 28 5.63 -10.96 2.27
N HIS A 29 5.90 -12.16 2.74
CA HIS A 29 7.23 -12.43 3.35
C HIS A 29 8.33 -12.23 2.34
N LYS A 30 8.04 -12.56 1.09
CA LYS A 30 9.01 -12.42 0.00
C LYS A 30 9.19 -10.98 -0.48
N THR A 31 8.28 -10.09 -0.09
CA THR A 31 8.30 -8.71 -0.56
C THR A 31 8.34 -7.67 0.57
N TYR A 32 8.40 -8.11 1.82
CA TYR A 32 8.55 -7.19 2.95
C TYR A 32 9.71 -7.68 3.83
N ASP A 33 10.81 -6.95 3.77
CA ASP A 33 12.02 -7.29 4.54
C ASP A 33 11.96 -6.52 5.86
N PRO A 34 11.66 -7.21 6.98
CA PRO A 34 11.54 -6.53 8.27
C PRO A 34 12.87 -6.11 8.90
N THR A 35 13.98 -6.40 8.21
CA THR A 35 15.28 -5.87 8.63
C THR A 35 15.61 -4.51 8.00
N TYR A 36 14.85 -4.11 6.97
CA TYR A 36 15.02 -2.80 6.29
C TYR A 36 16.46 -2.59 5.74
N ALA A 37 17.07 -3.68 5.26
CA ALA A 37 18.49 -3.69 4.85
C ALA A 37 18.78 -2.81 3.65
N ASP A 38 17.83 -2.79 2.72
CA ASP A 38 17.99 -2.10 1.44
C ASP A 38 18.02 -0.57 1.56
N PHE A 39 17.74 -0.06 2.76
CA PHE A 39 17.49 1.37 2.94
C PHE A 39 18.75 2.22 2.81
N ARG A 40 19.90 1.60 3.12
CA ARG A 40 21.23 2.21 2.96
C ARG A 40 21.46 2.66 1.51
N ASP A 41 20.84 1.95 0.56
CA ASP A 41 20.95 2.26 -0.88
C ASP A 41 20.18 3.50 -1.34
N PHE A 42 19.17 3.91 -0.58
CA PHE A 42 18.38 5.10 -0.92
C PHE A 42 19.23 6.37 -0.81
N ARG A 43 18.88 7.39 -1.58
CA ARG A 43 19.46 8.71 -1.36
C ARG A 43 19.22 9.14 0.08
N PRO A 44 20.17 9.91 0.65
CA PRO A 44 20.10 10.11 2.10
C PRO A 44 18.94 11.00 2.59
N PRO A 45 18.41 10.70 3.78
CA PRO A 45 17.44 11.61 4.40
C PRO A 45 18.20 12.88 4.69
N VAL A 46 17.59 14.03 4.41
CA VAL A 46 18.16 15.34 4.79
C VAL A 46 17.07 16.06 5.57
N ARG A 47 17.36 16.40 6.81
CA ARG A 47 16.37 17.02 7.69
C ARG A 47 16.69 18.45 8.11
N MET A 48 17.94 18.87 7.92
CA MET A 48 18.42 20.20 8.33
C MET A 48 17.48 21.37 8.02
N SER A 60 15.95 23.93 -2.25
CA SER A 60 14.57 23.58 -1.97
C SER A 60 14.39 23.23 -0.50
N PRO A 61 13.27 23.68 0.11
CA PRO A 61 12.95 23.20 1.46
C PRO A 61 12.52 21.72 1.45
N LEU A 62 12.30 21.13 0.27
CA LEU A 62 11.84 19.73 0.21
C LEU A 62 13.00 18.74 0.37
N SER A 63 13.68 18.83 1.51
CA SER A 63 14.91 18.10 1.75
C SER A 63 14.75 16.58 1.86
N MET A 64 13.55 16.12 2.19
CA MET A 64 13.28 14.68 2.30
C MET A 64 12.71 14.08 1.01
N LEU A 65 12.51 14.90 0.00
CA LEU A 65 11.98 14.42 -1.28
C LEU A 65 12.80 13.26 -1.94
N PRO A 66 14.14 13.41 -2.09
CA PRO A 66 14.94 12.31 -2.68
C PRO A 66 14.88 10.98 -1.89
N HIS A 67 15.05 11.05 -0.57
CA HIS A 67 14.98 9.84 0.24
C HIS A 67 13.58 9.20 0.18
N LEU A 68 12.53 9.99 0.38
CA LEU A 68 11.18 9.41 0.35
C LEU A 68 10.78 8.95 -1.04
N ALA A 69 11.27 9.63 -2.08
CA ALA A 69 11.03 9.18 -3.47
C ALA A 69 11.61 7.76 -3.63
N ASP A 70 12.83 7.56 -3.15
CA ASP A 70 13.48 6.24 -3.24
C ASP A 70 12.77 5.15 -2.41
N LEU A 71 12.33 5.52 -1.22
CA LEU A 71 11.58 4.61 -0.35
C LEU A 71 10.28 4.21 -1.06
N VAL A 72 9.59 5.19 -1.63
CA VAL A 72 8.31 4.92 -2.30
C VAL A 72 8.56 4.07 -3.56
N SER A 73 9.63 4.37 -4.30
CA SER A 73 9.91 3.65 -5.55
C SER A 73 10.17 2.18 -5.21
N TYR A 74 10.98 1.94 -4.18
CA TYR A 74 11.25 0.59 -3.64
C TYR A 74 9.94 -0.11 -3.27
N SER A 75 9.07 0.63 -2.57
CA SER A 75 7.78 0.11 -2.10
C SER A 75 6.89 -0.31 -3.27
N ILE A 76 6.91 0.48 -4.36
CA ILE A 76 6.12 0.15 -5.56
C ILE A 76 6.57 -1.20 -6.13
N GLN A 77 7.88 -1.38 -6.22
CA GLN A 77 8.44 -2.64 -6.69
C GLN A 77 7.91 -3.80 -5.84
N LYS A 78 7.85 -3.62 -4.52
CA LYS A 78 7.35 -4.69 -3.61
C LYS A 78 5.85 -4.96 -3.78
N VAL A 79 5.07 -3.89 -3.97
CA VAL A 79 3.63 -4.02 -4.20
C VAL A 79 3.36 -4.79 -5.51
N ILE A 80 4.10 -4.46 -6.56
CA ILE A 80 4.03 -5.23 -7.81
C ILE A 80 4.30 -6.71 -7.55
N GLY A 81 5.38 -7.00 -6.80
CA GLY A 81 5.78 -8.39 -6.54
C GLY A 81 4.69 -9.12 -5.76
N PHE A 82 4.08 -8.42 -4.79
CA PHE A 82 2.97 -8.98 -4.03
C PHE A 82 1.73 -9.24 -4.90
N ALA A 83 1.32 -8.25 -5.67
CA ALA A 83 0.11 -8.33 -6.51
C ALA A 83 0.21 -9.51 -7.48
N LYS A 84 1.39 -9.70 -8.05
CA LYS A 84 1.59 -10.79 -8.99
C LYS A 84 1.15 -12.15 -8.45
N MET A 85 1.19 -12.32 -7.13
CA MET A 85 0.95 -13.61 -6.47
C MET A 85 -0.50 -13.75 -6.02
N ILE A 86 -1.27 -12.67 -6.07
CA ILE A 86 -2.66 -12.78 -5.61
C ILE A 86 -3.38 -13.76 -6.55
N PRO A 87 -4.00 -14.83 -6.01
CA PRO A 87 -4.72 -15.78 -6.89
C PRO A 87 -5.75 -15.06 -7.75
N GLY A 88 -5.63 -15.26 -9.06
CA GLY A 88 -6.52 -14.64 -10.02
C GLY A 88 -5.91 -13.45 -10.72
N PHE A 89 -4.99 -12.75 -10.05
CA PHE A 89 -4.46 -11.47 -10.60
C PHE A 89 -3.85 -11.66 -11.99
N ARG A 90 -3.06 -12.72 -12.15
CA ARG A 90 -2.39 -12.93 -13.44
C ARG A 90 -3.33 -13.44 -14.54
N ASP A 91 -4.55 -13.77 -14.18
CA ASP A 91 -5.53 -14.16 -15.19
C ASP A 91 -6.28 -12.96 -15.77
N LEU A 92 -6.10 -11.79 -15.16
CA LEU A 92 -6.61 -10.54 -15.73
C LEU A 92 -5.79 -10.12 -16.94
N THR A 93 -6.35 -9.29 -17.80
CA THR A 93 -5.56 -8.77 -18.94
C THR A 93 -4.43 -7.89 -18.42
N SER A 94 -3.38 -7.74 -19.23
CA SER A 94 -2.30 -6.80 -18.90
C SER A 94 -2.85 -5.41 -18.58
N ASP A 95 -3.76 -4.92 -19.43
CA ASP A 95 -4.32 -3.59 -19.23
C ASP A 95 -4.99 -3.49 -17.85
N ASP A 96 -5.78 -4.49 -17.47
CA ASP A 96 -6.47 -4.43 -16.16
C ASP A 96 -5.49 -4.53 -14.98
N GLN A 97 -4.49 -5.38 -15.10
CA GLN A 97 -3.42 -5.48 -14.06
C GLN A 97 -2.74 -4.13 -13.86
N ILE A 98 -2.41 -3.47 -14.96
CA ILE A 98 -1.80 -2.12 -14.90
C ILE A 98 -2.74 -1.09 -14.26
N VAL A 99 -4.01 -1.05 -14.67
CA VAL A 99 -4.96 -0.12 -14.06
C VAL A 99 -5.07 -0.30 -12.54
N LEU A 100 -5.20 -1.56 -12.12
CA LEU A 100 -5.33 -1.91 -10.70
C LEU A 100 -4.10 -1.50 -9.91
N LEU A 101 -2.92 -1.76 -10.46
CA LEU A 101 -1.69 -1.39 -9.76
C LEU A 101 -1.44 0.12 -9.71
N LYS A 102 -1.61 0.83 -10.82
CA LYS A 102 -1.44 2.30 -10.80
C LYS A 102 -2.39 2.97 -9.79
N SER A 103 -3.64 2.50 -9.75
CA SER A 103 -4.63 3.12 -8.86
C SER A 103 -4.45 2.76 -7.40
N SER A 104 -3.99 1.53 -7.11
CA SER A 104 -3.88 1.06 -5.72
C SER A 104 -2.52 1.29 -5.07
N ALA A 105 -1.49 1.55 -5.86
CA ALA A 105 -0.11 1.50 -5.32
C ALA A 105 0.03 2.36 -4.06
N ILE A 106 -0.39 3.62 -4.15
CA ILE A 106 -0.25 4.50 -2.95
C ILE A 106 -0.98 3.92 -1.74
N GLU A 107 -2.17 3.39 -1.99
CA GLU A 107 -2.98 2.80 -0.92
C GLU A 107 -2.31 1.57 -0.29
N VAL A 108 -1.77 0.67 -1.10
CA VAL A 108 -1.12 -0.53 -0.53
C VAL A 108 0.15 -0.12 0.21
N ILE A 109 0.85 0.89 -0.30
CA ILE A 109 2.01 1.45 0.41
C ILE A 109 1.59 1.97 1.77
N MET A 110 0.48 2.72 1.82
CA MET A 110 0.00 3.20 3.13
C MET A 110 -0.37 2.04 4.05
N LEU A 111 -1.05 1.03 3.50
CA LEU A 111 -1.43 -0.14 4.30
C LEU A 111 -0.21 -0.90 4.82
N ARG A 112 0.72 -1.22 3.92
CA ARG A 112 1.86 -2.09 4.27
C ARG A 112 2.82 -1.39 5.23
N SER A 113 2.82 -0.05 5.19
CA SER A 113 3.65 0.75 6.10
C SER A 113 3.19 0.63 7.54
N ASN A 114 1.96 0.17 7.73
CA ASN A 114 1.43 0.03 9.09
C ASN A 114 2.28 -0.92 9.94
N GLN A 115 2.97 -1.82 9.25
CA GLN A 115 3.81 -2.82 9.92
C GLN A 115 5.03 -2.21 10.63
N SER A 116 5.54 -1.08 10.13
CA SER A 116 6.62 -0.35 10.83
C SER A 116 6.11 0.80 11.73
N PHE A 117 4.87 1.22 11.49
CA PHE A 117 4.26 2.28 12.27
C PHE A 117 4.18 1.91 13.75
N THR A 118 4.52 2.86 14.62
CA THR A 118 4.50 2.60 16.06
C THR A 118 3.73 3.69 16.78
N MET A 119 2.80 3.28 17.63
CA MET A 119 1.98 4.25 18.35
C MET A 119 2.75 4.99 19.48
N ASP A 120 3.94 4.49 19.82
CA ASP A 120 4.84 5.14 20.78
C ASP A 120 5.16 6.61 20.49
N ASP A 121 5.31 6.97 19.20
CA ASP A 121 5.51 8.37 18.82
C ASP A 121 4.92 8.76 17.46
N MET A 122 3.91 8.00 17.04
CA MET A 122 3.25 8.18 15.75
C MET A 122 4.27 8.30 14.60
N SER A 123 5.19 7.35 14.55
CA SER A 123 6.22 7.32 13.51
C SER A 123 6.39 5.92 12.90
N TRP A 124 7.01 5.88 11.73
CA TRP A 124 7.34 4.63 11.07
C TRP A 124 8.79 4.29 11.40
N ASP A 125 8.99 3.26 12.22
CA ASP A 125 10.33 2.85 12.67
C ASP A 125 10.93 1.74 11.81
N CYS A 126 11.82 2.13 10.91
CA CYS A 126 12.46 1.21 9.95
C CYS A 126 13.93 0.87 10.27
N GLY A 127 14.20 0.59 11.54
CA GLY A 127 15.46 -0.05 11.95
C GLY A 127 16.70 0.82 12.00
N SER A 128 16.52 2.14 11.92
CA SER A 128 17.63 3.07 12.06
C SER A 128 17.08 4.32 12.69
N GLN A 129 17.93 5.00 13.45
CA GLN A 129 17.57 6.28 14.00
C GLN A 129 17.19 7.26 12.88
N ASP A 130 17.90 7.23 11.75
CA ASP A 130 17.54 8.16 10.69
C ASP A 130 16.51 7.63 9.71
N TYR A 131 16.12 6.36 9.89
CA TYR A 131 14.99 5.76 9.15
C TYR A 131 13.78 5.59 10.05
N LYS A 132 13.61 6.52 10.99
CA LYS A 132 12.40 6.63 11.79
C LYS A 132 11.69 7.86 11.26
N TYR A 133 10.61 7.65 10.52
CA TYR A 133 9.98 8.73 9.78
C TYR A 133 8.83 9.29 10.56
N ASP A 134 8.72 10.62 10.57
CA ASP A 134 7.68 11.32 11.32
C ASP A 134 6.90 12.29 10.44
N VAL A 135 5.96 13.02 11.03
CA VAL A 135 5.13 13.94 10.25
C VAL A 135 5.95 15.01 9.56
N THR A 136 7.02 15.47 10.23
CA THR A 136 7.88 16.52 9.68
C THR A 136 8.55 16.01 8.39
N ASP A 137 9.03 14.76 8.42
CA ASP A 137 9.63 14.12 7.24
C ASP A 137 8.73 14.11 6.02
N VAL A 138 7.48 13.70 6.21
CA VAL A 138 6.53 13.70 5.08
C VAL A 138 6.30 15.13 4.59
N SER A 139 6.24 16.11 5.51
CA SER A 139 6.07 17.50 5.06
C SER A 139 7.26 18.00 4.25
N LYS A 140 8.44 17.46 4.52
CA LYS A 140 9.66 17.86 3.82
C LYS A 140 9.83 17.11 2.48
N ALA A 141 8.80 16.35 2.09
CA ALA A 141 8.74 15.82 0.72
C ALA A 141 7.69 16.60 -0.05
N GLY A 142 7.11 17.61 0.62
CA GLY A 142 6.22 18.55 -0.08
C GLY A 142 4.75 18.47 0.31
N HIS A 143 4.42 17.55 1.20
CA HIS A 143 3.03 17.34 1.60
C HIS A 143 2.60 18.22 2.77
N THR A 144 1.29 18.50 2.84
CA THR A 144 0.75 19.30 3.93
C THR A 144 -0.05 18.44 4.92
N LEU A 145 -0.37 19.01 6.06
CA LEU A 145 -1.20 18.33 7.07
C LEU A 145 -2.58 17.89 6.56
N GLU A 146 -3.09 18.51 5.48
CA GLU A 146 -4.34 18.05 4.83
C GLU A 146 -4.28 16.58 4.43
N LEU A 147 -3.09 16.14 4.04
CA LEU A 147 -2.82 14.70 3.83
C LEU A 147 -2.27 14.03 5.09
N ILE A 148 -1.26 14.66 5.72
CA ILE A 148 -0.52 14.00 6.77
C ILE A 148 -1.37 13.66 8.00
N GLU A 149 -2.20 14.60 8.46
CA GLU A 149 -3.01 14.32 9.66
C GLU A 149 -4.00 13.13 9.45
N PRO A 150 -4.80 13.17 8.38
CA PRO A 150 -5.62 11.98 8.09
C PRO A 150 -4.80 10.69 7.91
N LEU A 151 -3.59 10.81 7.36
CA LEU A 151 -2.71 9.63 7.20
C LEU A 151 -2.34 9.02 8.56
N ILE A 152 -1.99 9.86 9.53
CA ILE A 152 -1.64 9.36 10.85
C ILE A 152 -2.87 8.76 11.51
N LYS A 153 -4.01 9.43 11.39
CA LYS A 153 -5.26 8.91 11.95
C LYS A 153 -5.58 7.53 11.38
N PHE A 154 -5.34 7.39 10.08
CA PHE A 154 -5.51 6.11 9.41
C PHE A 154 -4.59 5.04 9.99
N GLN A 155 -3.29 5.35 10.16
CA GLN A 155 -2.33 4.38 10.71
C GLN A 155 -2.72 3.95 12.11
N VAL A 156 -3.12 4.93 12.93
CA VAL A 156 -3.52 4.66 14.31
C VAL A 156 -4.76 3.75 14.37
N GLY A 157 -5.79 4.11 13.60
CA GLY A 157 -7.04 3.34 13.54
C GLY A 157 -6.77 1.92 13.08
N LEU A 158 -5.88 1.80 12.09
CA LEU A 158 -5.52 0.49 11.55
C LEU A 158 -4.74 -0.32 12.58
N LYS A 159 -3.79 0.31 13.27
CA LYS A 159 -3.03 -0.37 14.31
C LYS A 159 -3.99 -0.91 15.37
N LYS A 160 -4.99 -0.11 15.72
CA LYS A 160 -5.95 -0.43 16.77
C LYS A 160 -6.86 -1.61 16.44
N LEU A 161 -6.88 -2.02 15.16
CA LEU A 161 -7.64 -3.20 14.76
C LEU A 161 -6.93 -4.47 15.15
N ASN A 162 -5.64 -4.37 15.46
CA ASN A 162 -4.84 -5.51 15.90
C ASN A 162 -4.94 -6.69 14.95
N LEU A 163 -4.78 -6.41 13.65
CA LEU A 163 -4.94 -7.44 12.62
C LEU A 163 -3.88 -8.54 12.75
N HIS A 164 -4.32 -9.79 12.57
CA HIS A 164 -3.37 -10.87 12.39
C HIS A 164 -2.74 -10.73 11.02
N GLU A 165 -1.55 -11.28 10.83
CA GLU A 165 -0.89 -11.18 9.52
C GLU A 165 -1.80 -11.65 8.37
N GLU A 166 -2.57 -12.73 8.59
CA GLU A 166 -3.51 -13.23 7.57
C GLU A 166 -4.51 -12.14 7.16
N GLU A 167 -5.04 -11.41 8.15
CA GLU A 167 -6.02 -10.34 7.88
C GLU A 167 -5.38 -9.19 7.11
N HIS A 168 -4.16 -8.83 7.52
CA HIS A 168 -3.36 -7.78 6.89
C HIS A 168 -3.09 -8.06 5.39
N VAL A 169 -2.63 -9.26 5.09
CA VAL A 169 -2.34 -9.59 3.68
C VAL A 169 -3.62 -9.71 2.82
N LEU A 170 -4.69 -10.23 3.42
CA LEU A 170 -5.97 -10.30 2.72
C LEU A 170 -6.45 -8.90 2.39
N LEU A 171 -6.29 -7.99 3.34
CA LEU A 171 -6.75 -6.60 3.14
C LEU A 171 -5.97 -5.92 2.03
N MET A 172 -4.65 -6.12 2.00
CA MET A 172 -3.87 -5.56 0.89
C MET A 172 -4.34 -6.14 -0.45
N ALA A 173 -4.60 -7.45 -0.49
CA ALA A 173 -5.03 -8.10 -1.73
C ALA A 173 -6.38 -7.56 -2.21
N ILE A 174 -7.31 -7.38 -1.28
CA ILE A 174 -8.66 -6.86 -1.57
C ILE A 174 -8.57 -5.42 -2.09
N CYS A 175 -7.70 -4.64 -1.48
CA CYS A 175 -7.43 -3.28 -1.92
C CYS A 175 -7.04 -3.25 -3.42
N ILE A 176 -6.11 -4.12 -3.79
CA ILE A 176 -5.54 -4.13 -5.16
C ILE A 176 -6.60 -4.59 -6.19
N VAL A 177 -7.29 -5.68 -5.86
N VAL A 177 -7.31 -5.68 -5.91
CA VAL A 177 -8.31 -6.24 -6.74
CA VAL A 177 -8.27 -6.18 -6.89
C VAL A 177 -9.65 -5.51 -6.47
C VAL A 177 -9.68 -5.56 -6.69
N SER A 178 -9.75 -4.24 -6.86
CA SER A 178 -11.02 -3.49 -6.67
C SER A 178 -11.65 -3.23 -8.05
N PRO A 179 -12.88 -3.75 -8.28
CA PRO A 179 -13.52 -3.62 -9.59
C PRO A 179 -13.95 -2.19 -9.95
N ASP A 180 -14.02 -1.29 -8.96
CA ASP A 180 -14.52 0.07 -9.22
C ASP A 180 -13.43 1.11 -9.58
N ARG A 181 -12.20 0.67 -9.74
CA ARG A 181 -11.12 1.58 -10.14
C ARG A 181 -11.42 2.14 -11.53
N PRO A 182 -11.15 3.44 -11.75
CA PRO A 182 -11.32 4.02 -13.07
C PRO A 182 -10.54 3.26 -14.14
N GLY A 183 -11.22 2.92 -15.23
CA GLY A 183 -10.60 2.31 -16.40
C GLY A 183 -10.52 0.79 -16.42
N VAL A 184 -11.00 0.13 -15.36
CA VAL A 184 -11.06 -1.35 -15.37
C VAL A 184 -12.04 -1.83 -16.47
N GLN A 185 -11.59 -2.76 -17.31
CA GLN A 185 -12.34 -3.33 -18.43
C GLN A 185 -13.27 -4.46 -17.95
N ASP A 186 -12.67 -5.53 -17.43
CA ASP A 186 -13.41 -6.72 -16.98
C ASP A 186 -13.73 -6.63 -15.49
N ALA A 187 -14.59 -5.69 -15.14
CA ALA A 187 -14.95 -5.44 -13.76
C ALA A 187 -15.63 -6.69 -13.16
N LYS A 188 -16.36 -7.44 -13.99
CA LYS A 188 -16.98 -8.69 -13.51
C LYS A 188 -15.96 -9.70 -13.03
N LEU A 189 -14.86 -9.84 -13.75
CA LEU A 189 -13.82 -10.80 -13.34
C LEU A 189 -13.09 -10.27 -12.09
N VAL A 190 -12.77 -8.98 -12.08
CA VAL A 190 -12.09 -8.37 -10.92
C VAL A 190 -12.97 -8.53 -9.66
N GLU A 191 -14.27 -8.30 -9.81
CA GLU A 191 -15.19 -8.48 -8.68
C GLU A 191 -15.22 -9.92 -8.19
N ALA A 192 -15.20 -10.89 -9.11
CA ALA A 192 -15.23 -12.30 -8.72
C ALA A 192 -14.00 -12.63 -7.88
N ILE A 193 -12.85 -12.11 -8.30
CA ILE A 193 -11.60 -12.37 -7.57
C ILE A 193 -11.67 -11.68 -6.21
N GLN A 194 -12.07 -10.41 -6.19
CA GLN A 194 -12.20 -9.69 -4.91
C GLN A 194 -13.16 -10.37 -3.93
N ASP A 195 -14.32 -10.84 -4.41
CA ASP A 195 -15.29 -11.51 -3.53
C ASP A 195 -14.76 -12.83 -2.95
N ARG A 196 -13.96 -13.54 -3.73
CA ARG A 196 -13.31 -14.76 -3.23
C ARG A 196 -12.34 -14.43 -2.09
N LEU A 197 -11.59 -13.34 -2.23
CA LEU A 197 -10.70 -12.87 -1.17
C LEU A 197 -11.49 -12.37 0.05
N SER A 198 -12.56 -11.62 -0.21
CA SER A 198 -13.42 -11.08 0.87
C SER A 198 -14.05 -12.18 1.69
N ASN A 199 -14.49 -13.23 1.00
CA ASN A 199 -15.10 -14.35 1.71
C ASN A 199 -14.06 -15.15 2.50
N THR A 200 -12.85 -15.22 1.98
CA THR A 200 -11.74 -15.84 2.73
C THR A 200 -11.50 -15.05 4.02
N LEU A 201 -11.48 -13.72 3.90
CA LEU A 201 -11.28 -12.86 5.06
C LEU A 201 -12.41 -13.00 6.09
N GLN A 202 -13.65 -12.93 5.63
CA GLN A 202 -14.79 -13.08 6.56
C GLN A 202 -14.76 -14.44 7.29
N THR A 203 -14.38 -15.49 6.57
CA THR A 203 -14.30 -16.84 7.16
C THR A 203 -13.19 -16.91 8.19
N TYR A 204 -12.06 -16.27 7.86
CA TYR A 204 -10.93 -16.23 8.77
C TYR A 204 -11.37 -15.53 10.07
N ILE A 205 -12.05 -14.39 9.93
CA ILE A 205 -12.45 -13.63 11.11
C ILE A 205 -13.36 -14.49 11.99
N ARG A 206 -14.33 -15.14 11.32
CA ARG A 206 -15.30 -16.00 12.03
C ARG A 206 -14.64 -17.17 12.74
N CYS A 207 -13.68 -17.79 12.05
CA CYS A 207 -13.00 -18.96 12.57
C CYS A 207 -11.96 -18.68 13.64
N ARG A 208 -11.25 -17.55 13.52
CA ARG A 208 -10.02 -17.31 14.28
C ARG A 208 -9.95 -16.07 15.17
N HIS A 209 -10.62 -14.99 14.78
CA HIS A 209 -10.46 -13.71 15.48
C HIS A 209 -11.30 -13.70 16.75
N PRO A 210 -10.66 -13.55 17.92
CA PRO A 210 -11.45 -13.58 19.15
C PRO A 210 -12.23 -12.30 19.41
N PRO A 211 -13.36 -12.41 20.13
CA PRO A 211 -14.01 -11.22 20.72
C PRO A 211 -13.10 -10.55 21.77
N PRO A 212 -13.21 -9.23 21.97
CA PRO A 212 -14.14 -8.29 21.36
C PRO A 212 -13.59 -7.68 20.05
N GLY A 213 -12.30 -7.89 19.78
CA GLY A 213 -11.65 -7.44 18.55
C GLY A 213 -12.34 -7.83 17.24
N SER A 214 -13.05 -8.97 17.24
CA SER A 214 -13.76 -9.46 16.04
C SER A 214 -15.06 -8.73 15.72
N HIS A 215 -15.58 -7.96 16.68
CA HIS A 215 -16.89 -7.36 16.58
C HIS A 215 -16.89 -6.27 15.51
N GLN A 216 -17.68 -6.50 14.47
CA GLN A 216 -17.76 -5.60 13.31
C GLN A 216 -16.38 -5.37 12.66
N LEU A 217 -15.48 -6.32 12.84
CA LEU A 217 -14.15 -6.21 12.25
C LEU A 217 -14.17 -6.07 10.73
N TYR A 218 -14.91 -6.94 10.05
CA TYR A 218 -14.94 -6.88 8.59
C TYR A 218 -15.41 -5.50 8.13
N ALA A 219 -16.49 -5.01 8.74
CA ALA A 219 -16.97 -3.65 8.45
C ALA A 219 -15.91 -2.57 8.68
N LYS A 220 -15.17 -2.70 9.78
CA LYS A 220 -14.13 -1.73 10.11
C LYS A 220 -13.02 -1.78 9.08
N MET A 221 -12.71 -2.98 8.59
CA MET A 221 -11.69 -3.15 7.57
C MET A 221 -12.14 -2.57 6.24
N ILE A 222 -13.40 -2.79 5.89
CA ILE A 222 -13.96 -2.21 4.66
C ILE A 222 -13.95 -0.68 4.74
N GLN A 223 -14.27 -0.12 5.91
CA GLN A 223 -14.13 1.32 6.16
C GLN A 223 -12.68 1.82 5.96
N LYS A 224 -11.69 1.02 6.36
CA LYS A 224 -10.30 1.39 6.11
C LYS A 224 -10.02 1.50 4.60
N LEU A 225 -10.64 0.63 3.80
CA LEU A 225 -10.54 0.73 2.34
C LEU A 225 -11.14 2.03 1.83
N ALA A 226 -12.27 2.43 2.41
CA ALA A 226 -12.87 3.71 2.02
C ALA A 226 -11.99 4.89 2.43
N ASP A 227 -11.39 4.81 3.64
CA ASP A 227 -10.45 5.84 4.13
C ASP A 227 -9.26 5.96 3.17
N LEU A 228 -8.78 4.82 2.67
CA LEU A 228 -7.71 4.80 1.66
C LEU A 228 -8.04 5.53 0.36
N ARG A 229 -9.30 5.44 -0.10
CA ARG A 229 -9.72 6.17 -1.30
C ARG A 229 -9.56 7.68 -1.11
N SER A 230 -9.93 8.15 0.09
CA SER A 230 -9.82 9.56 0.41
C SER A 230 -8.36 10.02 0.49
N LEU A 231 -7.52 9.23 1.15
CA LEU A 231 -6.09 9.50 1.21
C LEU A 231 -5.42 9.46 -0.18
N ASN A 232 -5.86 8.50 -1.00
CA ASN A 232 -5.40 8.40 -2.39
C ASN A 232 -5.71 9.71 -3.14
N GLU A 233 -6.96 10.19 -3.03
CA GLU A 233 -7.39 11.42 -3.73
C GLU A 233 -6.57 12.63 -3.30
N GLU A 234 -6.37 12.79 -2.00
CA GLU A 234 -5.55 13.88 -1.49
C GLU A 234 -4.08 13.74 -1.87
N HIS A 235 -3.53 12.54 -1.71
CA HIS A 235 -2.16 12.34 -2.15
C HIS A 235 -2.00 12.70 -3.63
N SER A 236 -2.94 12.27 -4.45
N SER A 236 -2.95 12.26 -4.46
CA SER A 236 -2.87 12.51 -5.88
CA SER A 236 -2.89 12.48 -5.90
C SER A 236 -2.83 14.01 -6.18
C SER A 236 -2.90 13.99 -6.24
N LYS A 237 -3.76 14.76 -5.57
CA LYS A 237 -3.84 16.20 -5.74
C LYS A 237 -2.50 16.86 -5.39
N GLN A 238 -1.95 16.50 -4.24
CA GLN A 238 -0.69 17.10 -3.78
C GLN A 238 0.47 16.68 -4.66
N TYR A 239 0.48 15.42 -5.06
CA TYR A 239 1.53 14.90 -5.93
C TYR A 239 1.50 15.60 -7.28
N ARG A 240 0.31 15.83 -7.83
CA ARG A 240 0.12 16.49 -9.13
C ARG A 240 0.75 17.88 -9.07
N SER A 241 0.57 18.54 -7.94
CA SER A 241 1.05 19.88 -7.79
C SER A 241 2.58 19.89 -7.62
N LEU A 242 3.10 19.05 -6.72
CA LEU A 242 4.53 19.07 -6.45
C LEU A 242 5.35 18.58 -7.64
N SER A 243 4.83 17.59 -8.36
CA SER A 243 5.57 16.99 -9.46
C SER A 243 5.57 17.88 -10.72
N PHE A 244 4.68 18.87 -10.76
CA PHE A 244 4.63 19.80 -11.89
C PHE A 244 5.84 20.74 -11.89
N GLN A 245 6.54 20.84 -10.75
CA GLN A 245 7.75 21.66 -10.62
C GLN A 245 8.93 20.86 -11.08
N PRO A 246 9.59 21.27 -12.17
CA PRO A 246 10.67 20.45 -12.73
C PRO A 246 11.80 20.13 -11.74
N GLU A 247 12.12 21.05 -10.83
CA GLU A 247 13.13 20.79 -9.79
C GLU A 247 12.75 19.61 -8.89
N ASN A 248 11.44 19.44 -8.66
CA ASN A 248 10.96 18.32 -7.87
C ASN A 248 10.89 17.06 -8.71
N SER A 249 10.31 17.18 -9.91
CA SER A 249 10.17 16.04 -10.82
C SER A 249 11.52 15.39 -11.12
N MET A 250 12.56 16.21 -11.31
CA MET A 250 13.91 15.70 -11.56
C MET A 250 14.46 14.82 -10.47
N LYS A 251 13.89 14.91 -9.27
CA LYS A 251 14.35 14.11 -8.13
C LYS A 251 13.55 12.82 -7.97
N LEU A 252 12.51 12.65 -8.77
CA LEU A 252 11.65 11.46 -8.70
C LEU A 252 12.22 10.35 -9.60
N THR A 253 11.94 9.10 -9.24
CA THR A 253 12.42 7.97 -10.03
C THR A 253 11.49 7.75 -11.21
N PRO A 254 12.02 7.14 -12.30
CA PRO A 254 11.14 6.81 -13.43
C PRO A 254 9.90 6.02 -13.03
N LEU A 255 10.06 5.07 -12.10
CA LEU A 255 8.92 4.23 -11.67
C LEU A 255 7.84 5.06 -10.97
N VAL A 256 8.29 5.96 -10.08
CA VAL A 256 7.34 6.81 -9.38
C VAL A 256 6.63 7.71 -10.38
N LEU A 257 7.38 8.30 -11.30
CA LEU A 257 6.80 9.14 -12.34
C LEU A 257 5.74 8.44 -13.16
N GLU A 258 5.98 7.17 -13.49
CA GLU A 258 5.03 6.43 -14.27
C GLU A 258 3.81 6.02 -13.45
N VAL A 259 4.04 5.46 -12.27
CA VAL A 259 2.96 4.88 -11.48
C VAL A 259 2.02 5.96 -10.90
N PHE A 260 2.59 7.07 -10.44
CA PHE A 260 1.76 8.17 -9.92
C PHE A 260 1.30 9.16 -11.00
N GLY A 261 1.85 9.00 -12.21
CA GLY A 261 1.48 9.83 -13.36
C GLY A 261 0.17 9.46 -14.01
N PRO B 4 4.75 1.67 -19.30
CA PRO B 4 6.06 1.19 -19.73
C PRO B 4 6.69 0.16 -18.78
N MET B 5 7.21 0.63 -17.65
CA MET B 5 7.87 -0.21 -16.67
C MET B 5 6.93 -1.26 -16.06
N LEU B 6 5.73 -0.83 -15.72
CA LEU B 6 4.71 -1.74 -15.19
C LEU B 6 4.34 -2.83 -16.21
N MET B 7 4.01 -2.41 -17.43
CA MET B 7 3.63 -3.37 -18.47
C MET B 7 4.75 -4.39 -18.67
N ASN B 8 5.98 -3.90 -18.71
CA ASN B 8 7.12 -4.79 -18.94
C ASN B 8 7.34 -5.77 -17.80
N LEU B 9 7.10 -5.32 -16.57
CA LEU B 9 7.18 -6.20 -15.41
C LEU B 9 6.09 -7.25 -15.39
N LEU B 10 4.90 -6.88 -15.87
CA LEU B 10 3.75 -7.79 -15.75
C LEU B 10 3.67 -8.75 -16.92
N LYS B 11 4.39 -8.42 -17.99
CA LYS B 11 4.39 -9.22 -19.22
C LYS B 11 4.67 -10.65 -18.88
N ASP B 12 3.60 -11.38 -19.19
CA ASP B 12 3.51 -12.74 -19.56
C ASP B 12 2.06 -13.19 -19.53
C1 YR4 C . 6.02 5.12 2.82
C2 YR4 C . 6.65 3.90 2.58
C3 YR4 C . 7.30 3.26 3.65
C4 YR4 C . 7.23 3.87 5.01
C5 YR4 C . 6.58 5.07 5.18
C6 YR4 C . 5.98 5.74 4.10
C7 YR4 C . 5.24 7.05 4.37
C8 YR4 C . 5.14 8.04 3.21
C9 YR4 C . 6.24 8.19 2.33
C10 YR4 C . 3.98 8.83 2.99
C11 YR4 C . 3.91 9.74 1.93
C12 YR4 C . 5.09 9.87 1.04
C13 YR4 C . 6.22 9.08 1.27
C14 YR4 C . 5.80 7.82 5.59
C15 YR4 C . 7.22 8.38 5.49
C16 YR4 C . 3.83 6.60 4.83
C17 YR4 C . 3.04 5.82 3.78
C18 YR4 C . 7.89 3.20 6.20
C19 YR4 C . 2.68 10.58 1.66
O20 YR4 C . 5.04 10.75 -0.01
O21 YR4 C . 7.91 2.06 3.47
C22 YR4 C . 6.04 10.70 -1.03
C23 YR4 C . 5.78 11.84 -2.03
C24 YR4 C . 6.76 11.79 -3.21
O25 YR4 C . 4.40 11.82 -2.47
C26 YR4 C . 6.61 13.14 -3.90
C27 YR4 C . 6.45 10.66 -4.18
C28 YR4 C . 8.21 11.66 -2.76
C29 YR4 C . 7.10 0.95 3.94
C30 YR4 C . 7.94 -0.30 4.16
C31 YR4 C . 5.88 0.71 3.01
C32 YR4 C . 8.41 -0.33 5.63
O33 YR4 C . 6.33 0.24 1.77
O34 YR4 C . 7.30 -0.42 6.55
#